data_6OPD
#
_entry.id   6OPD
#
_cell.length_a   49.561
_cell.length_b   74.641
_cell.length_c   122.849
_cell.angle_alpha   90
_cell.angle_beta   90
_cell.angle_gamma   90
#
_symmetry.space_group_name_H-M   'P 21 21 21'
#
loop_
_entity.id
_entity.type
_entity.pdbx_description
1 polymer 'HLA class I histocompatibility antigen, A-2 alpha chain'
2 polymer Beta-2-microglobulin
3 polymer 'Melanoma antigen variant'
4 non-polymer 'ACETATE ION'
5 non-polymer GLYCEROL
6 non-polymer 'MAGNESIUM ION'
7 water water
#
loop_
_entity_poly.entity_id
_entity_poly.type
_entity_poly.pdbx_seq_one_letter_code
_entity_poly.pdbx_strand_id
1 'polypeptide(L)'
;GSHSMRYFFTSVSRPGRGEPRFIAVGYVDDTQFVRFDSDAASQRMEPRAPWIEQEGPEYWDGETRKVKAHSQTHRVDLGT
LRGYYNQSEAGSHTVQRMYGCDVGSDWRFLRGYHQYAYDGKDYIALKEDLRSWTAADMAAQTTKHKWEAAHVAEQLRAYL
EGTCVEWLRRYLENGKETLQRTDAPKTHMTHHAVSDHEATLRCWALSFYPAEITLTWQRDGEDQTQDTELVETRPAGDGT
FQKWAAVVVPSGQEQRYTCHVQHEGLPKPLTLRWE
;
A
2 'polypeptide(L)'
;MIQRTPKIQVYSRHPAENGKSNFLNCYVSGFHPSDIEVDLLKNGERIEKVEHSDLSFSKDWSFYLLYYTEFTPTEKDEYA
CRVNHVTLSQPKIVKWDRDM
;
B
3 'polypeptide(L)' ILNAMIVKI C
#
loop_
_chem_comp.id
_chem_comp.type
_chem_comp.name
_chem_comp.formula
ACT non-polymer 'ACETATE ION' 'C2 H3 O2 -1'
GOL non-polymer GLYCEROL 'C3 H8 O3'
MG non-polymer 'MAGNESIUM ION' 'Mg 2'
#
# COMPACT_ATOMS: atom_id res chain seq x y z
N GLY A 1 19.87 8.11 -2.06
CA GLY A 1 19.76 6.94 -1.21
C GLY A 1 19.49 5.70 -2.03
N SER A 2 18.99 4.65 -1.39
CA SER A 2 18.64 3.43 -2.09
C SER A 2 17.23 3.55 -2.69
N HIS A 3 16.94 2.69 -3.67
CA HIS A 3 15.66 2.77 -4.37
C HIS A 3 15.17 1.37 -4.74
N SER A 4 13.87 1.27 -5.05
CA SER A 4 13.27 0.00 -5.42
C SER A 4 12.29 0.18 -6.58
N MET A 5 12.13 -0.89 -7.36
CA MET A 5 11.01 -0.99 -8.28
C MET A 5 10.26 -2.25 -7.90
N ARG A 6 8.94 -2.15 -7.78
CA ARG A 6 8.12 -3.28 -7.37
C ARG A 6 6.83 -3.33 -8.17
N TYR A 7 6.46 -4.54 -8.61
CA TYR A 7 5.17 -4.79 -9.23
C TYR A 7 4.34 -5.65 -8.30
N PHE A 8 3.04 -5.32 -8.20
CA PHE A 8 2.07 -5.95 -7.30
C PHE A 8 0.92 -6.46 -8.14
N PHE A 9 0.57 -7.76 -8.00
CA PHE A 9 -0.49 -8.36 -8.79
C PHE A 9 -1.50 -9.00 -7.86
N THR A 10 -2.79 -8.75 -8.09
CA THR A 10 -3.85 -9.36 -7.31
C THR A 10 -4.82 -10.03 -8.25
N SER A 11 -5.14 -11.28 -7.96
CA SER A 11 -6.03 -12.09 -8.77
C SER A 11 -7.10 -12.69 -7.86
N VAL A 12 -8.38 -12.51 -8.21
CA VAL A 12 -9.48 -12.91 -7.33
C VAL A 12 -10.50 -13.70 -8.14
N SER A 13 -10.74 -14.95 -7.76
CA SER A 13 -11.73 -15.71 -8.50
C SER A 13 -13.13 -15.24 -8.14
N ARG A 14 -14.02 -15.35 -9.11
CA ARG A 14 -15.40 -14.86 -8.99
C ARG A 14 -16.34 -16.00 -9.39
N PRO A 15 -16.62 -16.91 -8.48
CA PRO A 15 -17.41 -18.10 -8.84
C PRO A 15 -18.80 -17.71 -9.31
N GLY A 16 -19.21 -18.26 -10.44
CA GLY A 16 -20.52 -17.95 -10.97
C GLY A 16 -20.68 -16.54 -11.51
N ARG A 17 -19.61 -15.74 -11.49
CA ARG A 17 -19.59 -14.39 -12.03
C ARG A 17 -18.49 -14.20 -13.08
N GLY A 18 -18.06 -15.28 -13.74
CA GLY A 18 -17.16 -15.16 -14.87
C GLY A 18 -15.69 -15.02 -14.53
N GLU A 19 -14.97 -14.22 -15.32
CA GLU A 19 -13.50 -14.17 -15.30
C GLU A 19 -12.99 -13.57 -14.00
N PRO A 20 -11.83 -14.03 -13.52
CA PRO A 20 -11.31 -13.49 -12.26
C PRO A 20 -10.93 -12.03 -12.42
N ARG A 21 -11.03 -11.28 -11.32
CA ARG A 21 -10.46 -9.95 -11.27
C ARG A 21 -8.94 -10.03 -11.35
N PHE A 22 -8.33 -9.09 -12.07
CA PHE A 22 -6.87 -9.03 -12.11
C PHE A 22 -6.44 -7.58 -12.10
N ILE A 23 -5.58 -7.23 -11.14
CA ILE A 23 -5.13 -5.85 -11.00
C ILE A 23 -3.62 -5.88 -10.82
N ALA A 24 -2.90 -5.13 -11.65
CA ALA A 24 -1.45 -5.02 -11.53
C ALA A 24 -1.10 -3.56 -11.35
N VAL A 25 -0.16 -3.27 -10.43
CA VAL A 25 0.31 -1.90 -10.23
C VAL A 25 1.82 -1.95 -10.11
N GLY A 26 2.48 -0.90 -10.60
CA GLY A 26 3.93 -0.81 -10.54
C GLY A 26 4.31 0.43 -9.76
N TYR A 27 5.34 0.31 -8.94
CA TYR A 27 5.86 1.38 -8.09
C TYR A 27 7.35 1.56 -8.32
N VAL A 28 7.81 2.81 -8.23
CA VAL A 28 9.20 3.12 -7.92
C VAL A 28 9.18 3.78 -6.56
N ASP A 29 9.89 3.20 -5.59
CA ASP A 29 9.80 3.66 -4.20
C ASP A 29 8.33 3.73 -3.80
N ASP A 30 7.86 4.82 -3.20
CA ASP A 30 6.47 4.94 -2.79
C ASP A 30 5.61 5.65 -3.84
N THR A 31 6.09 5.70 -5.10
CA THR A 31 5.37 6.40 -6.16
C THR A 31 4.84 5.40 -7.18
N GLN A 32 3.52 5.34 -7.36
CA GLN A 32 2.95 4.45 -8.38
C GLN A 32 3.19 5.03 -9.77
N PHE A 33 3.48 4.17 -10.76
CA PHE A 33 3.67 4.69 -12.11
C PHE A 33 2.91 3.98 -13.21
N VAL A 34 2.41 2.74 -13.01
CA VAL A 34 1.55 2.11 -14.01
C VAL A 34 0.45 1.34 -13.31
N ARG A 35 -0.58 1.00 -14.09
CA ARG A 35 -1.64 0.11 -13.60
C ARG A 35 -2.28 -0.65 -14.75
N PHE A 36 -2.85 -1.81 -14.41
CA PHE A 36 -3.74 -2.53 -15.30
C PHE A 36 -4.89 -3.07 -14.46
N ASP A 37 -6.12 -2.84 -14.91
CA ASP A 37 -7.29 -3.35 -14.18
C ASP A 37 -8.18 -4.09 -15.16
N SER A 38 -8.41 -5.39 -14.90
CA SER A 38 -9.21 -6.21 -15.81
C SER A 38 -10.60 -5.62 -16.03
N ASP A 39 -11.12 -4.89 -15.06
CA ASP A 39 -12.48 -4.36 -15.16
C ASP A 39 -12.54 -2.96 -15.76
N ALA A 40 -11.41 -2.38 -16.16
CA ALA A 40 -11.44 -1.05 -16.76
C ALA A 40 -11.63 -1.16 -18.27
N ALA A 41 -11.90 -0.01 -18.90
CA ALA A 41 -12.31 -0.01 -20.30
C ALA A 41 -11.14 -0.24 -21.26
N SER A 42 -9.94 0.23 -20.92
CA SER A 42 -8.88 0.28 -21.94
C SER A 42 -8.36 -1.10 -22.29
N GLN A 43 -8.27 -2.01 -21.32
CA GLN A 43 -7.57 -3.28 -21.49
C GLN A 43 -6.12 -3.06 -21.93
N ARG A 44 -5.51 -1.98 -21.45
CA ARG A 44 -4.10 -1.69 -21.69
C ARG A 44 -3.41 -1.39 -20.38
N MET A 45 -2.10 -1.63 -20.35
CA MET A 45 -1.31 -1.01 -19.30
C MET A 45 -1.43 0.51 -19.45
N GLU A 46 -1.68 1.21 -18.33
CA GLU A 46 -1.93 2.65 -18.36
C GLU A 46 -0.94 3.42 -17.50
N PRO A 47 -0.58 4.65 -17.87
CA PRO A 47 0.33 5.44 -17.05
C PRO A 47 -0.38 6.01 -15.82
N ARG A 48 0.40 6.15 -14.73
CA ARG A 48 -0.09 6.79 -13.53
C ARG A 48 0.93 7.74 -12.93
N ALA A 49 1.97 8.13 -13.67
CA ALA A 49 2.88 9.18 -13.26
C ALA A 49 3.31 9.96 -14.48
N PRO A 50 3.53 11.28 -14.33
CA PRO A 50 3.87 12.09 -15.51
C PRO A 50 5.12 11.63 -16.24
N TRP A 51 6.13 11.15 -15.51
CA TRP A 51 7.40 10.81 -16.14
C TRP A 51 7.36 9.51 -16.94
N ILE A 52 6.33 8.68 -16.78
CA ILE A 52 6.21 7.50 -17.63
C ILE A 52 5.39 7.78 -18.89
N GLU A 53 4.59 8.86 -18.90
CA GLU A 53 3.74 9.15 -20.05
C GLU A 53 4.53 9.36 -21.33
N GLN A 54 5.80 9.75 -21.21
CA GLN A 54 6.64 10.02 -22.35
C GLN A 54 7.14 8.77 -23.06
N GLU A 55 7.10 7.61 -22.40
CA GLU A 55 7.42 6.36 -23.09
C GLU A 55 6.55 6.23 -24.34
N GLY A 56 7.12 5.66 -25.40
CA GLY A 56 6.47 5.60 -26.69
C GLY A 56 5.55 4.41 -26.84
N PRO A 57 4.94 4.26 -28.02
CA PRO A 57 3.92 3.21 -28.18
C PRO A 57 4.46 1.79 -28.08
N GLU A 58 5.72 1.53 -28.44
CA GLU A 58 6.26 0.19 -28.27
C GLU A 58 6.30 -0.19 -26.79
N TYR A 59 6.67 0.76 -25.93
CA TYR A 59 6.60 0.53 -24.49
C TYR A 59 5.21 0.08 -24.08
N TRP A 60 4.20 0.89 -24.40
CA TRP A 60 2.85 0.59 -23.94
C TRP A 60 2.29 -0.67 -24.59
N ASP A 61 2.65 -0.93 -25.84
CA ASP A 61 2.22 -2.17 -26.49
C ASP A 61 2.85 -3.38 -25.82
N GLY A 62 4.15 -3.33 -25.54
CA GLY A 62 4.83 -4.46 -24.92
C GLY A 62 4.38 -4.71 -23.49
N GLU A 63 4.22 -3.64 -22.71
CA GLU A 63 3.73 -3.82 -21.34
C GLU A 63 2.31 -4.36 -21.30
N THR A 64 1.48 -3.96 -22.25
CA THR A 64 0.12 -4.50 -22.33
C THR A 64 0.15 -5.99 -22.66
N ARG A 65 0.98 -6.38 -23.64
CA ARG A 65 1.11 -7.81 -23.95
CA ARG A 65 1.13 -7.80 -23.95
C ARG A 65 1.59 -8.59 -22.73
N LYS A 66 2.60 -8.08 -22.03
CA LYS A 66 3.16 -8.82 -20.90
C LYS A 66 2.19 -8.86 -19.72
N VAL A 67 1.49 -7.76 -19.44
CA VAL A 67 0.57 -7.80 -18.29
C VAL A 67 -0.61 -8.71 -18.59
N LYS A 68 -1.03 -8.81 -19.87
CA LYS A 68 -2.03 -9.81 -20.23
C LYS A 68 -1.51 -11.23 -20.03
N ALA A 69 -0.24 -11.46 -20.36
CA ALA A 69 0.35 -12.77 -20.12
C ALA A 69 0.37 -13.10 -18.63
N HIS A 70 0.66 -12.10 -17.79
CA HIS A 70 0.59 -12.29 -16.35
C HIS A 70 -0.82 -12.67 -15.94
N SER A 71 -1.80 -11.94 -16.48
CA SER A 71 -3.20 -12.22 -16.20
C SER A 71 -3.57 -13.67 -16.55
N GLN A 72 -3.14 -14.12 -17.73
CA GLN A 72 -3.48 -15.48 -18.19
C GLN A 72 -2.87 -16.55 -17.28
N THR A 73 -1.62 -16.35 -16.87
CA THR A 73 -0.99 -17.28 -15.93
C THR A 73 -1.73 -17.32 -14.60
N HIS A 74 -2.09 -16.16 -14.08
CA HIS A 74 -2.82 -16.14 -12.81
C HIS A 74 -4.19 -16.79 -12.93
N ARG A 75 -4.83 -16.67 -14.08
CA ARG A 75 -6.13 -17.30 -14.26
C ARG A 75 -6.02 -18.82 -14.17
N VAL A 76 -4.97 -19.39 -14.77
CA VAL A 76 -4.76 -20.84 -14.70
C VAL A 76 -4.35 -21.24 -13.29
N ASP A 77 -3.51 -20.41 -12.64
CA ASP A 77 -3.05 -20.69 -11.29
C ASP A 77 -4.22 -20.84 -10.31
N LEU A 78 -5.26 -20.00 -10.43
CA LEU A 78 -6.39 -20.15 -9.51
C LEU A 78 -6.99 -21.54 -9.58
N GLY A 79 -7.15 -22.07 -10.80
CA GLY A 79 -7.68 -23.43 -10.96
C GLY A 79 -6.71 -24.47 -10.42
N THR A 80 -5.42 -24.29 -10.69
CA THR A 80 -4.43 -25.23 -10.20
C THR A 80 -4.45 -25.29 -8.68
N LEU A 81 -4.48 -24.11 -8.03
CA LEU A 81 -4.43 -24.09 -6.57
C LEU A 81 -5.71 -24.63 -5.97
N ARG A 82 -6.85 -24.37 -6.60
CA ARG A 82 -8.08 -24.96 -6.12
C ARG A 82 -7.96 -26.49 -6.09
N GLY A 83 -7.32 -27.06 -7.12
CA GLY A 83 -7.07 -28.50 -7.15
C GLY A 83 -6.13 -28.96 -6.06
N TYR A 84 -5.01 -28.24 -5.88
CA TYR A 84 -3.99 -28.64 -4.90
C TYR A 84 -4.59 -28.73 -3.50
N TYR A 85 -5.50 -27.82 -3.17
CA TYR A 85 -6.09 -27.79 -1.83
C TYR A 85 -7.47 -28.42 -1.82
N ASN A 86 -7.87 -29.06 -2.92
CA ASN A 86 -9.19 -29.70 -3.06
C ASN A 86 -10.33 -28.81 -2.55
N GLN A 87 -10.37 -27.57 -3.06
CA GLN A 87 -11.41 -26.61 -2.69
C GLN A 87 -12.56 -26.63 -3.69
N SER A 88 -13.73 -26.29 -3.23
CA SER A 88 -14.89 -26.30 -4.16
C SER A 88 -14.90 -25.08 -5.05
N GLU A 89 -15.60 -25.22 -6.16
CA GLU A 89 -15.74 -24.11 -7.09
C GLU A 89 -16.58 -22.98 -6.54
N ALA A 90 -17.21 -23.18 -5.38
CA ALA A 90 -18.19 -22.23 -4.87
C ALA A 90 -17.56 -21.00 -4.22
N GLY A 91 -16.35 -21.09 -3.70
CA GLY A 91 -15.75 -20.01 -2.94
C GLY A 91 -14.79 -19.16 -3.78
N SER A 92 -14.68 -17.89 -3.40
CA SER A 92 -13.69 -17.00 -4.01
C SER A 92 -12.33 -17.16 -3.32
N HIS A 93 -11.26 -17.13 -4.11
CA HIS A 93 -9.92 -17.26 -3.57
C HIS A 93 -9.03 -16.20 -4.21
N THR A 94 -7.91 -15.92 -3.54
CA THR A 94 -7.04 -14.79 -3.88
C THR A 94 -5.63 -15.28 -4.13
N VAL A 95 -5.03 -14.85 -5.24
CA VAL A 95 -3.60 -15.01 -5.46
C VAL A 95 -2.95 -13.63 -5.48
N GLN A 96 -1.79 -13.50 -4.83
CA GLN A 96 -1.07 -12.23 -4.85
C GLN A 96 0.37 -12.51 -5.24
N ARG A 97 0.96 -11.63 -6.04
CA ARG A 97 2.36 -11.80 -6.41
C ARG A 97 3.05 -10.44 -6.31
N MET A 98 4.31 -10.45 -5.87
CA MET A 98 5.09 -9.22 -5.82
C MET A 98 6.50 -9.58 -6.25
N TYR A 99 7.07 -8.78 -7.15
CA TYR A 99 8.47 -8.98 -7.47
C TYR A 99 9.08 -7.63 -7.81
N GLY A 100 10.41 -7.57 -7.72
CA GLY A 100 11.11 -6.32 -7.99
C GLY A 100 12.53 -6.37 -7.49
N CYS A 101 13.18 -5.21 -7.53
CA CYS A 101 14.60 -5.14 -7.22
C CYS A 101 14.89 -3.89 -6.38
N ASP A 102 15.92 -3.98 -5.53
CA ASP A 102 16.45 -2.82 -4.81
C ASP A 102 17.83 -2.48 -5.35
N VAL A 103 18.16 -1.20 -5.36
CA VAL A 103 19.50 -0.73 -5.69
C VAL A 103 19.98 0.17 -4.55
N GLY A 104 21.30 0.23 -4.37
CA GLY A 104 21.87 1.09 -3.35
C GLY A 104 22.06 2.51 -3.85
N SER A 105 22.78 3.30 -3.04
CA SER A 105 23.03 4.69 -3.39
C SER A 105 23.85 4.82 -4.66
N ASP A 106 24.66 3.80 -4.99
CA ASP A 106 25.39 3.80 -6.24
C ASP A 106 24.52 3.32 -7.41
N TRP A 107 23.26 2.99 -7.15
CA TRP A 107 22.31 2.50 -8.15
C TRP A 107 22.71 1.16 -8.73
N ARG A 108 23.50 0.39 -7.98
CA ARG A 108 23.87 -0.96 -8.37
C ARG A 108 22.95 -1.94 -7.66
N PHE A 109 22.76 -3.10 -8.28
CA PHE A 109 21.89 -4.12 -7.72
C PHE A 109 22.22 -4.40 -6.26
N LEU A 110 21.18 -4.43 -5.43
CA LEU A 110 21.28 -4.76 -4.03
C LEU A 110 20.62 -6.08 -3.69
N ARG A 111 19.33 -6.24 -4.03
CA ARG A 111 18.63 -7.50 -3.81
C ARG A 111 17.44 -7.58 -4.76
N GLY A 112 17.00 -8.82 -5.03
CA GLY A 112 15.80 -9.04 -5.81
C GLY A 112 14.86 -9.96 -5.04
N TYR A 113 13.59 -9.92 -5.44
CA TYR A 113 12.60 -10.74 -4.74
C TYR A 113 11.45 -11.10 -5.68
N HIS A 114 10.78 -12.20 -5.31
CA HIS A 114 9.59 -12.66 -6.01
C HIS A 114 8.82 -13.50 -5.02
N GLN A 115 7.73 -12.95 -4.52
CA GLN A 115 6.90 -13.63 -3.50
C GLN A 115 5.51 -13.91 -4.06
N TYR A 116 4.94 -15.04 -3.65
CA TYR A 116 3.60 -15.46 -4.11
C TYR A 116 2.82 -15.93 -2.89
N ALA A 117 1.56 -15.54 -2.86
CA ALA A 117 0.67 -15.83 -1.73
C ALA A 117 -0.64 -16.39 -2.26
N TYR A 118 -1.24 -17.28 -1.47
CA TYR A 118 -2.57 -17.78 -1.75
C TYR A 118 -3.44 -17.53 -0.53
N ASP A 119 -4.60 -16.92 -0.76
CA ASP A 119 -5.56 -16.58 0.30
C ASP A 119 -4.89 -15.87 1.48
N GLY A 120 -3.97 -14.96 1.17
CA GLY A 120 -3.47 -14.05 2.19
C GLY A 120 -2.26 -14.54 2.98
N LYS A 121 -1.72 -15.72 2.69
CA LYS A 121 -0.54 -16.23 3.37
C LYS A 121 0.49 -16.71 2.37
N ASP A 122 1.76 -16.69 2.78
CA ASP A 122 2.86 -17.13 1.91
C ASP A 122 2.53 -18.46 1.27
N TYR A 123 2.88 -18.58 -0.02
CA TYR A 123 2.82 -19.85 -0.74
C TYR A 123 4.22 -20.27 -1.19
N ILE A 124 4.90 -19.47 -2.02
CA ILE A 124 6.26 -19.78 -2.41
C ILE A 124 7.01 -18.48 -2.63
N ALA A 125 8.30 -18.48 -2.31
CA ALA A 125 9.09 -17.28 -2.50
C ALA A 125 10.47 -17.65 -3.03
N LEU A 126 11.03 -16.77 -3.83
CA LEU A 126 12.40 -16.93 -4.28
C LEU A 126 13.35 -16.60 -3.15
N LYS A 127 14.36 -17.45 -2.94
CA LYS A 127 15.35 -17.17 -1.90
C LYS A 127 16.19 -15.95 -2.28
N GLU A 128 16.88 -15.40 -1.28
CA GLU A 128 17.66 -14.19 -1.51
C GLU A 128 18.78 -14.42 -2.50
N ASP A 129 19.30 -15.65 -2.59
CA ASP A 129 20.34 -15.92 -3.57
C ASP A 129 19.79 -16.03 -4.99
N LEU A 130 18.48 -15.95 -5.15
CA LEU A 130 17.83 -15.96 -6.46
C LEU A 130 18.05 -17.27 -7.20
N ARG A 131 18.35 -18.36 -6.48
CA ARG A 131 18.66 -19.63 -7.14
C ARG A 131 17.71 -20.75 -6.81
N SER A 132 16.93 -20.65 -5.73
CA SER A 132 15.96 -21.67 -5.40
C SER A 132 14.85 -21.04 -4.58
N TRP A 133 13.94 -21.90 -4.12
CA TRP A 133 12.64 -21.45 -3.67
C TRP A 133 12.34 -21.93 -2.26
N THR A 134 11.54 -21.15 -1.54
CA THR A 134 11.04 -21.51 -0.23
C THR A 134 9.55 -21.76 -0.32
N ALA A 135 9.14 -23.00 -0.01
CA ALA A 135 7.74 -23.42 -0.03
C ALA A 135 7.13 -23.31 1.36
N ALA A 136 5.92 -22.75 1.44
CA ALA A 136 5.35 -22.50 2.76
C ALA A 136 4.63 -23.71 3.35
N ASP A 137 4.17 -24.65 2.52
CA ASP A 137 3.47 -25.82 3.02
C ASP A 137 3.72 -26.99 2.06
N MET A 138 3.02 -28.10 2.28
CA MET A 138 3.27 -29.30 1.47
CA MET A 138 3.29 -29.28 1.46
C MET A 138 2.80 -29.12 0.04
N ALA A 139 1.68 -28.41 -0.16
CA ALA A 139 1.22 -28.18 -1.53
C ALA A 139 2.23 -27.35 -2.30
N ALA A 140 2.77 -26.31 -1.66
CA ALA A 140 3.76 -25.49 -2.34
C ALA A 140 5.05 -26.24 -2.63
N GLN A 141 5.34 -27.30 -1.89
CA GLN A 141 6.52 -28.09 -2.19
C GLN A 141 6.40 -28.74 -3.56
N THR A 142 5.16 -28.99 -4.02
CA THR A 142 4.95 -29.46 -5.39
C THR A 142 5.44 -28.43 -6.39
N THR A 143 5.12 -27.16 -6.14
CA THR A 143 5.56 -26.10 -7.03
C THR A 143 7.07 -25.90 -6.93
N LYS A 144 7.61 -25.96 -5.71
CA LYS A 144 9.06 -25.86 -5.55
C LYS A 144 9.77 -26.91 -6.40
N HIS A 145 9.32 -28.16 -6.32
CA HIS A 145 9.98 -29.23 -7.06
C HIS A 145 9.88 -28.99 -8.57
N LYS A 146 8.69 -28.64 -9.04
CA LYS A 146 8.48 -28.38 -10.46
C LYS A 146 9.33 -27.21 -10.96
N TRP A 147 9.33 -26.09 -10.24
CA TRP A 147 10.10 -24.93 -10.67
C TRP A 147 11.60 -25.17 -10.56
N GLU A 148 12.04 -25.92 -9.57
CA GLU A 148 13.47 -26.25 -9.48
C GLU A 148 13.89 -27.22 -10.57
N ALA A 149 13.07 -28.24 -10.86
CA ALA A 149 13.41 -29.16 -11.96
C ALA A 149 13.47 -28.43 -13.29
N ALA A 150 12.63 -27.42 -13.49
CA ALA A 150 12.55 -26.73 -14.77
C ALA A 150 13.52 -25.55 -14.89
N HIS A 151 14.23 -25.20 -13.82
CA HIS A 151 15.20 -24.09 -13.76
C HIS A 151 14.54 -22.74 -13.94
N VAL A 152 13.30 -22.60 -13.43
CA VAL A 152 12.55 -21.35 -13.54
C VAL A 152 13.30 -20.16 -12.96
N ALA A 153 14.05 -20.38 -11.87
CA ALA A 153 14.70 -19.27 -11.20
C ALA A 153 15.76 -18.59 -12.06
N GLU A 154 16.29 -19.27 -13.08
CA GLU A 154 17.40 -18.70 -13.83
C GLU A 154 16.98 -17.50 -14.65
N GLN A 155 15.84 -17.59 -15.34
CA GLN A 155 15.38 -16.44 -16.12
C GLN A 155 14.95 -15.31 -15.21
N LEU A 156 14.34 -15.66 -14.07
CA LEU A 156 13.90 -14.64 -13.13
C LEU A 156 15.09 -13.89 -12.52
N ARG A 157 16.15 -14.62 -12.13
CA ARG A 157 17.34 -13.99 -11.61
C ARG A 157 17.95 -13.03 -12.65
N ALA A 158 17.98 -13.45 -13.92
CA ALA A 158 18.50 -12.57 -14.97
C ALA A 158 17.67 -11.30 -15.08
N TYR A 159 16.34 -11.43 -14.94
CA TYR A 159 15.47 -10.24 -14.92
C TYR A 159 15.76 -9.36 -13.72
N LEU A 160 15.85 -9.95 -12.52
CA LEU A 160 15.96 -9.15 -11.30
C LEU A 160 17.30 -8.45 -11.22
N GLU A 161 18.37 -9.10 -11.66
CA GLU A 161 19.71 -8.52 -11.60
C GLU A 161 20.00 -7.59 -12.75
N GLY A 162 19.25 -7.72 -13.84
CA GLY A 162 19.57 -7.03 -15.09
C GLY A 162 18.47 -6.06 -15.49
N THR A 163 17.49 -6.57 -16.23
CA THR A 163 16.39 -5.75 -16.73
C THR A 163 15.79 -4.87 -15.65
N CYS A 164 15.51 -5.45 -14.49
CA CYS A 164 14.82 -4.71 -13.43
C CYS A 164 15.64 -3.50 -13.00
N VAL A 165 16.95 -3.71 -12.80
CA VAL A 165 17.81 -2.64 -12.33
C VAL A 165 17.99 -1.57 -13.41
N GLU A 166 18.16 -2.00 -14.66
CA GLU A 166 18.41 -1.06 -15.75
C GLU A 166 17.21 -0.15 -15.96
N TRP A 167 16.00 -0.71 -15.90
CA TRP A 167 14.82 0.11 -16.12
C TRP A 167 14.51 0.98 -14.90
N LEU A 168 14.83 0.51 -13.69
CA LEU A 168 14.70 1.36 -12.52
C LEU A 168 15.60 2.58 -12.65
N ARG A 169 16.84 2.38 -13.09
CA ARG A 169 17.73 3.52 -13.28
C ARG A 169 17.19 4.47 -14.34
N ARG A 170 16.59 3.93 -15.40
CA ARG A 170 15.95 4.79 -16.40
C ARG A 170 14.81 5.59 -15.81
N TYR A 171 13.97 4.96 -14.99
CA TYR A 171 12.86 5.70 -14.41
C TYR A 171 13.34 6.76 -13.43
N LEU A 172 14.35 6.42 -12.61
CA LEU A 172 14.86 7.39 -11.66
C LEU A 172 15.39 8.63 -12.37
N GLU A 173 16.04 8.44 -13.52
CA GLU A 173 16.53 9.57 -14.29
C GLU A 173 15.38 10.38 -14.88
N ASN A 174 14.46 9.70 -15.58
CA ASN A 174 13.37 10.39 -16.27
C ASN A 174 12.41 11.06 -15.28
N GLY A 175 12.26 10.50 -14.09
CA GLY A 175 11.36 11.09 -13.12
C GLY A 175 12.07 11.72 -11.95
N LYS A 176 13.30 12.18 -12.17
CA LYS A 176 14.15 12.62 -11.06
C LYS A 176 13.49 13.70 -10.21
N GLU A 177 12.68 14.58 -10.80
CA GLU A 177 12.09 15.68 -10.04
C GLU A 177 11.15 15.14 -8.97
N THR A 178 10.39 14.09 -9.30
CA THR A 178 9.43 13.40 -8.43
C THR A 178 10.11 12.36 -7.54
N LEU A 179 10.99 11.55 -8.12
CA LEU A 179 11.49 10.37 -7.42
C LEU A 179 12.72 10.65 -6.59
N GLN A 180 13.63 11.50 -7.08
CA GLN A 180 14.84 11.82 -6.34
C GLN A 180 14.58 13.04 -5.48
N ARG A 181 13.67 12.87 -4.53
CA ARG A 181 13.31 13.98 -3.67
C ARG A 181 13.01 13.44 -2.28
N THR A 182 13.19 14.30 -1.30
CA THR A 182 12.69 14.01 0.04
C THR A 182 11.93 15.24 0.50
N ASP A 183 10.75 15.03 1.04
CA ASP A 183 9.97 16.08 1.68
C ASP A 183 10.01 15.79 3.17
N ALA A 184 10.63 16.68 3.93
CA ALA A 184 10.68 16.49 5.38
C ALA A 184 9.30 16.71 6.00
N PRO A 185 8.98 15.96 7.06
CA PRO A 185 7.67 16.10 7.70
C PRO A 185 7.51 17.49 8.30
N LYS A 186 6.32 18.04 8.13
CA LYS A 186 5.87 19.22 8.87
C LYS A 186 5.22 18.72 10.14
N THR A 187 5.70 19.16 11.31
CA THR A 187 5.29 18.53 12.55
C THR A 187 4.63 19.53 13.49
N HIS A 188 3.72 19.02 14.31
CA HIS A 188 3.12 19.80 15.40
C HIS A 188 2.47 18.83 16.37
N MET A 189 2.02 19.37 17.50
CA MET A 189 1.39 18.58 18.53
C MET A 189 0.12 19.27 18.96
N THR A 190 -0.92 18.48 19.22
CA THR A 190 -2.19 18.97 19.76
C THR A 190 -2.39 18.45 21.17
N HIS A 191 -3.24 19.16 21.92
CA HIS A 191 -3.55 18.83 23.30
C HIS A 191 -5.05 18.83 23.48
N HIS A 192 -5.59 17.81 24.15
CA HIS A 192 -7.02 17.77 24.39
C HIS A 192 -7.27 17.12 25.74
N ALA A 193 -8.09 17.76 26.57
CA ALA A 193 -8.44 17.15 27.84
C ALA A 193 -9.33 15.94 27.59
N VAL A 194 -9.07 14.87 28.35
CA VAL A 194 -9.90 13.68 28.32
C VAL A 194 -10.85 13.63 29.51
N SER A 195 -10.33 13.98 30.68
CA SER A 195 -11.10 14.15 31.90
C SER A 195 -10.51 15.34 32.64
N ASP A 196 -10.95 15.56 33.87
CA ASP A 196 -10.28 16.55 34.70
C ASP A 196 -8.96 16.02 35.27
N HIS A 197 -8.56 14.80 34.89
CA HIS A 197 -7.30 14.22 35.34
C HIS A 197 -6.33 13.88 34.22
N GLU A 198 -6.78 13.83 32.97
CA GLU A 198 -5.96 13.30 31.88
C GLU A 198 -6.10 14.15 30.63
N ALA A 199 -5.04 14.15 29.82
CA ALA A 199 -5.06 14.84 28.54
C ALA A 199 -4.43 13.95 27.48
N THR A 200 -4.85 14.14 26.24
CA THR A 200 -4.25 13.46 25.09
C THR A 200 -3.30 14.43 24.42
N LEU A 201 -2.04 14.02 24.29
CA LEU A 201 -1.04 14.67 23.44
C LEU A 201 -0.95 13.89 22.13
N ARG A 202 -1.10 14.57 21.00
CA ARG A 202 -1.02 13.90 19.70
C ARG A 202 0.07 14.55 18.85
N CYS A 203 1.06 13.76 18.48
CA CYS A 203 2.21 14.21 17.69
C CYS A 203 1.90 13.96 16.22
N TRP A 204 2.02 14.99 15.40
CA TRP A 204 1.64 14.93 13.99
C TRP A 204 2.84 15.09 13.08
N ALA A 205 2.84 14.33 11.99
CA ALA A 205 3.80 14.48 10.90
C ALA A 205 3.01 14.49 9.59
N LEU A 206 3.16 15.56 8.83
CA LEU A 206 2.41 15.76 7.60
C LEU A 206 3.35 16.06 6.43
N SER A 207 2.85 15.82 5.21
CA SER A 207 3.50 16.25 3.97
C SER A 207 4.89 15.66 3.77
N PHE A 208 5.11 14.41 4.17
CA PHE A 208 6.46 13.86 4.03
C PHE A 208 6.55 12.81 2.92
N TYR A 209 7.76 12.63 2.43
CA TYR A 209 8.08 11.65 1.41
C TYR A 209 9.56 11.34 1.53
N PRO A 210 9.96 10.06 1.52
CA PRO A 210 9.10 8.89 1.33
C PRO A 210 8.29 8.49 2.58
N ALA A 211 7.56 7.38 2.51
CA ALA A 211 6.61 7.04 3.56
C ALA A 211 7.28 6.58 4.86
N GLU A 212 8.48 6.03 4.77
CA GLU A 212 9.16 5.53 5.96
C GLU A 212 9.37 6.65 6.98
N ILE A 213 8.91 6.43 8.21
CA ILE A 213 9.02 7.43 9.28
C ILE A 213 8.93 6.67 10.60
N THR A 214 9.47 7.27 11.66
CA THR A 214 9.28 6.74 13.01
C THR A 214 8.89 7.88 13.93
N LEU A 215 7.75 7.70 14.61
CA LEU A 215 7.27 8.59 15.67
C LEU A 215 7.30 7.80 16.96
N THR A 216 8.01 8.31 17.97
CA THR A 216 8.07 7.66 19.27
C THR A 216 7.87 8.68 20.37
N TRP A 217 7.28 8.21 21.46
CA TRP A 217 7.04 9.02 22.65
C TRP A 217 8.00 8.58 23.75
N GLN A 218 8.45 9.55 24.54
CA GLN A 218 9.26 9.28 25.71
C GLN A 218 8.70 10.05 26.89
N ARG A 219 8.83 9.48 28.08
CA ARG A 219 8.55 10.17 29.32
C ARG A 219 9.87 10.28 30.08
N ASP A 220 10.26 11.51 30.40
CA ASP A 220 11.53 11.79 31.07
C ASP A 220 12.71 11.13 30.37
N GLY A 221 12.61 10.95 29.05
CA GLY A 221 13.66 10.36 28.25
C GLY A 221 13.57 8.86 28.06
N GLU A 222 12.69 8.18 28.78
CA GLU A 222 12.56 6.74 28.67
C GLU A 222 11.47 6.41 27.65
N ASP A 223 11.81 5.49 26.75
CA ASP A 223 10.84 5.10 25.69
C ASP A 223 9.51 4.83 26.36
N GLN A 224 8.44 5.24 25.71
CA GLN A 224 7.10 5.12 26.24
C GLN A 224 6.27 4.25 25.30
N THR A 225 5.78 3.13 25.82
CA THR A 225 4.81 2.32 25.11
C THR A 225 3.48 2.21 25.86
N GLN A 226 3.49 2.29 27.19
CA GLN A 226 2.25 2.41 27.95
C GLN A 226 1.44 3.56 27.36
N ASP A 227 0.34 3.22 26.68
CA ASP A 227 -0.71 4.11 26.18
C ASP A 227 -0.44 4.64 24.77
N THR A 228 0.74 4.41 24.19
CA THR A 228 1.03 4.96 22.87
C THR A 228 0.07 4.41 21.82
N GLU A 229 -0.65 5.32 21.16
CA GLU A 229 -1.49 4.96 20.03
C GLU A 229 -0.86 5.47 18.75
N LEU A 230 -0.64 4.57 17.81
CA LEU A 230 0.00 4.85 16.52
C LEU A 230 -0.97 4.46 15.43
N VAL A 231 -1.19 5.35 14.44
CA VAL A 231 -1.99 5.00 13.28
C VAL A 231 -1.06 4.60 12.15
N GLU A 232 -1.59 3.80 11.22
CA GLU A 232 -0.84 3.44 10.03
C GLU A 232 -0.51 4.69 9.24
N THR A 233 0.70 4.71 8.70
CA THR A 233 1.09 5.78 7.78
C THR A 233 0.13 5.81 6.59
N ARG A 234 -0.38 7.00 6.27
CA ARG A 234 -1.47 7.13 5.29
C ARG A 234 -1.14 8.12 4.20
N PRO A 235 -1.66 7.90 2.98
CA PRO A 235 -1.43 8.85 1.89
C PRO A 235 -2.31 10.10 1.99
N ALA A 236 -1.70 11.26 1.76
CA ALA A 236 -2.47 12.49 1.68
C ALA A 236 -3.23 12.61 0.36
N GLY A 237 -2.73 11.95 -0.69
CA GLY A 237 -3.31 12.01 -2.02
C GLY A 237 -2.60 12.94 -2.98
N ASP A 238 -1.62 13.71 -2.50
CA ASP A 238 -0.82 14.61 -3.33
C ASP A 238 0.61 14.12 -3.51
N GLY A 239 0.88 12.84 -3.24
CA GLY A 239 2.23 12.33 -3.31
C GLY A 239 2.98 12.32 -2.00
N THR A 240 2.40 12.84 -0.92
CA THR A 240 3.04 12.82 0.41
C THR A 240 2.22 11.96 1.36
N PHE A 241 2.74 11.80 2.57
CA PHE A 241 2.20 10.91 3.58
C PHE A 241 1.99 11.64 4.90
N GLN A 242 1.22 11.00 5.77
CA GLN A 242 0.82 11.55 7.06
C GLN A 242 0.87 10.45 8.10
N LYS A 243 1.09 10.85 9.35
CA LYS A 243 1.07 9.89 10.46
C LYS A 243 0.92 10.64 11.76
N TRP A 244 0.31 10.00 12.76
CA TRP A 244 0.31 10.58 14.09
C TRP A 244 0.51 9.51 15.15
N ALA A 245 0.91 9.96 16.33
CA ALA A 245 1.08 9.09 17.49
C ALA A 245 0.58 9.84 18.71
N ALA A 246 -0.13 9.16 19.61
CA ALA A 246 -0.70 9.87 20.75
C ALA A 246 -0.39 9.14 22.06
N VAL A 247 -0.38 9.91 23.16
CA VAL A 247 -0.25 9.36 24.50
C VAL A 247 -1.27 10.05 25.40
N VAL A 248 -1.82 9.31 26.35
CA VAL A 248 -2.72 9.89 27.35
C VAL A 248 -1.89 10.15 28.61
N VAL A 249 -1.90 11.39 29.11
CA VAL A 249 -0.97 11.78 30.17
C VAL A 249 -1.74 12.38 31.33
N PRO A 250 -1.22 12.34 32.55
CA PRO A 250 -1.90 13.03 33.66
C PRO A 250 -1.85 14.53 33.48
N SER A 251 -2.99 15.18 33.70
CA SER A 251 -3.07 16.63 33.64
C SER A 251 -2.00 17.26 34.55
N GLY A 252 -1.20 18.14 33.96
CA GLY A 252 -0.15 18.82 34.70
C GLY A 252 1.23 18.22 34.54
N GLN A 253 1.33 17.05 33.92
CA GLN A 253 2.61 16.40 33.66
C GLN A 253 3.02 16.45 32.20
N GLU A 254 2.34 17.26 31.38
CA GLU A 254 2.61 17.31 29.94
C GLU A 254 4.08 17.53 29.64
N GLN A 255 4.78 18.31 30.47
CA GLN A 255 6.13 18.72 30.10
C GLN A 255 7.14 17.58 30.20
N ARG A 256 6.78 16.47 30.85
CA ARG A 256 7.66 15.32 30.95
C ARG A 256 7.71 14.47 29.67
N TYR A 257 6.82 14.69 28.72
CA TYR A 257 6.76 13.83 27.53
C TYR A 257 7.38 14.52 26.32
N THR A 258 8.09 13.75 25.50
CA THR A 258 8.63 14.27 24.25
C THR A 258 8.26 13.32 23.12
N CYS A 259 7.96 13.89 21.96
CA CYS A 259 7.73 13.12 20.75
C CYS A 259 8.96 13.25 19.86
N HIS A 260 9.41 12.13 19.31
CA HIS A 260 10.64 12.09 18.53
C HIS A 260 10.34 11.65 17.11
N VAL A 261 10.80 12.44 16.15
CA VAL A 261 10.49 12.22 14.74
C VAL A 261 11.78 11.90 14.01
N GLN A 262 11.82 10.75 13.36
CA GLN A 262 12.93 10.34 12.49
C GLN A 262 12.43 10.17 11.07
N HIS A 263 13.14 10.79 10.12
CA HIS A 263 12.78 10.76 8.71
C HIS A 263 14.01 11.11 7.91
N GLU A 264 14.15 10.49 6.73
CA GLU A 264 15.37 10.73 5.94
C GLU A 264 15.45 12.16 5.40
N GLY A 265 14.34 12.90 5.36
CA GLY A 265 14.41 14.29 4.99
C GLY A 265 14.85 15.24 6.10
N LEU A 266 15.07 14.71 7.30
CA LEU A 266 15.48 15.54 8.45
C LEU A 266 16.99 15.44 8.70
N PRO A 267 17.74 16.56 8.67
CA PRO A 267 19.18 16.55 8.93
C PRO A 267 19.38 15.96 10.33
N LYS A 268 18.62 16.44 11.30
CA LYS A 268 18.59 15.92 12.65
C LYS A 268 17.17 15.44 12.99
N PRO A 269 17.04 14.39 13.79
CA PRO A 269 15.70 14.04 14.30
C PRO A 269 15.12 15.19 15.10
N LEU A 270 13.80 15.30 15.08
CA LEU A 270 13.12 16.38 15.82
C LEU A 270 12.60 15.86 17.14
N THR A 271 12.56 16.74 18.11
CA THR A 271 11.97 16.48 19.42
C THR A 271 10.92 17.56 19.69
N LEU A 272 9.67 17.14 19.94
CA LEU A 272 8.59 18.08 20.22
C LEU A 272 8.14 17.92 21.66
N ARG A 273 7.76 19.01 22.29
CA ARG A 273 7.30 18.98 23.67
C ARG A 273 6.09 19.89 23.79
N TRP A 274 5.10 19.48 24.59
CA TRP A 274 3.97 20.38 24.87
C TRP A 274 4.43 21.46 25.82
N GLU A 275 4.54 22.68 25.32
CA GLU A 275 5.02 23.79 26.13
C GLU A 275 4.75 25.12 25.40
N MET B 1 -7.43 -20.18 4.84
CA MET B 1 -8.05 -18.86 4.66
C MET B 1 -7.80 -17.96 5.86
N ILE B 2 -7.57 -16.68 5.61
CA ILE B 2 -7.46 -15.70 6.69
C ILE B 2 -8.32 -14.50 6.34
N GLN B 3 -8.99 -13.97 7.36
CA GLN B 3 -9.79 -12.73 7.26
C GLN B 3 -9.03 -11.68 8.10
N ARG B 4 -8.97 -10.44 7.63
CA ARG B 4 -8.38 -9.34 8.37
C ARG B 4 -9.35 -8.16 8.27
N THR B 5 -9.65 -7.54 9.41
CA THR B 5 -10.63 -6.46 9.43
C THR B 5 -9.98 -5.14 9.01
N PRO B 6 -10.67 -4.32 8.22
CA PRO B 6 -10.06 -3.06 7.76
C PRO B 6 -9.85 -2.06 8.89
N LYS B 7 -8.75 -1.34 8.82
CA LYS B 7 -8.52 -0.17 9.64
C LYS B 7 -8.95 1.04 8.82
N ILE B 8 -9.69 1.95 9.43
CA ILE B 8 -10.36 3.02 8.71
C ILE B 8 -9.92 4.35 9.28
N GLN B 9 -9.43 5.25 8.40
CA GLN B 9 -9.04 6.61 8.78
C GLN B 9 -9.72 7.59 7.84
N VAL B 10 -10.29 8.66 8.41
CA VAL B 10 -11.05 9.65 7.66
C VAL B 10 -10.42 11.00 7.95
N TYR B 11 -9.99 11.71 6.91
CA TYR B 11 -9.12 12.87 7.14
C TYR B 11 -9.04 13.73 5.88
N SER B 12 -8.58 14.98 6.04
CA SER B 12 -8.44 15.84 4.87
C SER B 12 -7.00 15.81 4.33
N ARG B 13 -6.87 16.07 3.02
CA ARG B 13 -5.56 16.11 2.39
C ARG B 13 -4.68 17.19 3.01
N HIS B 14 -5.24 18.39 3.20
CA HIS B 14 -4.58 19.56 3.77
C HIS B 14 -5.29 19.94 5.06
N PRO B 15 -4.64 20.65 5.97
CA PRO B 15 -5.33 21.12 7.18
C PRO B 15 -6.60 21.85 6.80
N ALA B 16 -7.69 21.51 7.47
CA ALA B 16 -9.00 21.95 7.02
C ALA B 16 -9.30 23.35 7.54
N GLU B 17 -9.87 24.17 6.66
CA GLU B 17 -10.36 25.51 7.00
C GLU B 17 -11.70 25.72 6.32
N ASN B 18 -12.74 26.07 7.09
CA ASN B 18 -14.04 26.30 6.49
C ASN B 18 -13.94 27.28 5.33
N GLY B 19 -14.57 26.92 4.22
CA GLY B 19 -14.62 27.78 3.06
C GLY B 19 -13.46 27.64 2.10
N LYS B 20 -12.43 26.85 2.41
CA LYS B 20 -11.32 26.60 1.49
C LYS B 20 -11.45 25.18 0.95
N SER B 21 -11.35 25.05 -0.37
CA SER B 21 -11.46 23.73 -0.98
C SER B 21 -10.27 22.85 -0.59
N ASN B 22 -10.49 21.55 -0.67
CA ASN B 22 -9.63 20.57 0.00
C ASN B 22 -10.02 19.21 -0.58
N PHE B 23 -9.43 18.14 -0.06
CA PHE B 23 -9.88 16.79 -0.40
C PHE B 23 -10.17 16.02 0.88
N LEU B 24 -11.26 15.26 0.86
CA LEU B 24 -11.65 14.41 1.97
C LEU B 24 -11.24 12.97 1.64
N ASN B 25 -10.49 12.34 2.53
CA ASN B 25 -9.91 11.02 2.32
C ASN B 25 -10.53 10.00 3.25
N CYS B 26 -10.76 8.80 2.73
CA CYS B 26 -11.03 7.62 3.56
C CYS B 26 -10.02 6.55 3.17
N TYR B 27 -9.09 6.27 4.07
CA TYR B 27 -8.04 5.29 3.84
C TYR B 27 -8.41 4.02 4.58
N VAL B 28 -8.54 2.92 3.85
CA VAL B 28 -8.92 1.62 4.40
C VAL B 28 -7.73 0.69 4.18
N SER B 29 -7.18 0.14 5.26
CA SER B 29 -5.96 -0.65 5.11
C SER B 29 -6.02 -1.91 5.96
N GLY B 30 -5.07 -2.81 5.70
CA GLY B 30 -4.93 -3.98 6.55
C GLY B 30 -6.02 -5.03 6.40
N PHE B 31 -6.75 -5.06 5.29
CA PHE B 31 -7.91 -5.94 5.18
C PHE B 31 -7.65 -7.10 4.22
N HIS B 32 -8.45 -8.14 4.39
CA HIS B 32 -8.39 -9.36 3.58
C HIS B 32 -9.66 -10.15 3.84
N PRO B 33 -10.34 -10.66 2.79
CA PRO B 33 -10.05 -10.60 1.36
C PRO B 33 -10.33 -9.23 0.74
N SER B 34 -10.21 -9.13 -0.58
CA SER B 34 -10.14 -7.79 -1.19
C SER B 34 -11.50 -7.15 -1.42
N ASP B 35 -12.59 -7.92 -1.39
CA ASP B 35 -13.93 -7.37 -1.63
C ASP B 35 -14.28 -6.41 -0.49
N ILE B 36 -14.57 -5.15 -0.83
CA ILE B 36 -14.86 -4.15 0.18
C ILE B 36 -15.67 -3.06 -0.49
N GLU B 37 -16.58 -2.46 0.26
CA GLU B 37 -17.39 -1.36 -0.23
C GLU B 37 -17.08 -0.16 0.64
N VAL B 38 -16.73 0.96 0.00
CA VAL B 38 -16.40 2.20 0.69
C VAL B 38 -17.21 3.33 0.07
N ASP B 39 -17.94 4.08 0.92
CA ASP B 39 -18.67 5.26 0.48
C ASP B 39 -18.25 6.44 1.36
N LEU B 40 -18.17 7.63 0.78
CA LEU B 40 -18.04 8.84 1.57
C LEU B 40 -19.44 9.45 1.68
N LEU B 41 -19.76 9.97 2.86
CA LEU B 41 -21.09 10.50 3.17
C LEU B 41 -21.00 11.98 3.51
N LYS B 42 -21.98 12.74 3.02
CA LYS B 42 -22.15 14.14 3.42
C LYS B 42 -23.51 14.25 4.07
N ASN B 43 -23.53 14.56 5.37
CA ASN B 43 -24.77 14.63 6.15
C ASN B 43 -25.64 13.38 5.92
N GLY B 44 -24.97 12.22 5.92
CA GLY B 44 -25.64 10.95 5.88
C GLY B 44 -25.91 10.39 4.49
N GLU B 45 -25.65 11.17 3.43
CA GLU B 45 -26.00 10.79 2.07
C GLU B 45 -24.73 10.51 1.28
N ARG B 46 -24.74 9.45 0.48
CA ARG B 46 -23.52 9.11 -0.23
C ARG B 46 -23.13 10.17 -1.24
N ILE B 47 -21.84 10.43 -1.34
CA ILE B 47 -21.25 11.32 -2.32
C ILE B 47 -20.94 10.52 -3.58
N GLU B 48 -21.43 11.01 -4.73
CA GLU B 48 -21.22 10.29 -5.99
C GLU B 48 -19.81 10.45 -6.55
N LYS B 49 -19.28 11.68 -6.56
CA LYS B 49 -18.04 11.98 -7.26
C LYS B 49 -16.85 11.69 -6.34
N VAL B 50 -16.56 10.39 -6.19
CA VAL B 50 -15.51 9.88 -5.32
C VAL B 50 -14.58 9.05 -6.17
N GLU B 51 -13.28 9.27 -6.04
CA GLU B 51 -12.28 8.49 -6.76
C GLU B 51 -11.61 7.52 -5.80
N HIS B 52 -10.98 6.48 -6.36
CA HIS B 52 -10.24 5.60 -5.48
C HIS B 52 -8.97 5.13 -6.17
N SER B 53 -8.02 4.74 -5.33
CA SER B 53 -6.72 4.27 -5.78
C SER B 53 -6.82 2.85 -6.34
N ASP B 54 -5.74 2.42 -7.01
CA ASP B 54 -5.67 1.05 -7.51
C ASP B 54 -5.29 0.11 -6.37
N LEU B 55 -6.04 -0.98 -6.24
CA LEU B 55 -5.77 -1.98 -5.20
C LEU B 55 -4.31 -2.40 -5.16
N SER B 56 -3.71 -2.32 -3.98
CA SER B 56 -2.38 -2.81 -3.73
C SER B 56 -2.33 -3.43 -2.34
N PHE B 57 -1.16 -3.89 -1.93
CA PHE B 57 -1.08 -4.56 -0.64
C PHE B 57 0.27 -4.33 0.01
N SER B 58 0.28 -4.55 1.33
CA SER B 58 1.43 -4.33 2.17
C SER B 58 2.28 -5.60 2.27
N LYS B 59 3.36 -5.53 3.05
CA LYS B 59 4.28 -6.65 3.12
C LYS B 59 3.64 -7.89 3.77
N ASP B 60 2.61 -7.72 4.61
CA ASP B 60 1.91 -8.87 5.19
C ASP B 60 0.79 -9.39 4.31
N TRP B 61 0.71 -8.94 3.05
CA TRP B 61 -0.29 -9.27 2.03
C TRP B 61 -1.64 -8.59 2.26
N SER B 62 -1.80 -7.77 3.29
CA SER B 62 -3.10 -7.12 3.51
C SER B 62 -3.28 -5.98 2.52
N PHE B 63 -4.53 -5.73 2.15
CA PHE B 63 -4.85 -4.75 1.11
C PHE B 63 -5.02 -3.34 1.68
N TYR B 64 -4.81 -2.34 0.82
CA TYR B 64 -5.17 -0.96 1.15
C TYR B 64 -5.70 -0.23 -0.07
N LEU B 65 -6.60 0.70 0.19
CA LEU B 65 -7.27 1.56 -0.79
C LEU B 65 -7.47 2.96 -0.20
N LEU B 66 -7.34 3.97 -1.05
CA LEU B 66 -7.67 5.36 -0.68
C LEU B 66 -8.88 5.79 -1.51
N TYR B 67 -9.95 6.22 -0.84
CA TYR B 67 -11.10 6.84 -1.50
C TYR B 67 -11.08 8.33 -1.18
N TYR B 68 -11.35 9.19 -2.18
CA TYR B 68 -11.16 10.62 -1.94
C TYR B 68 -12.11 11.45 -2.80
N THR B 69 -12.46 12.64 -2.30
CA THR B 69 -13.39 13.48 -3.02
C THR B 69 -13.05 14.93 -2.76
N GLU B 70 -13.26 15.78 -3.75
CA GLU B 70 -12.99 17.21 -3.60
C GLU B 70 -14.14 17.85 -2.83
N PHE B 71 -13.82 18.66 -1.84
CA PHE B 71 -14.88 19.25 -1.04
C PHE B 71 -14.42 20.55 -0.41
N THR B 72 -15.40 21.36 -0.02
CA THR B 72 -15.16 22.59 0.73
C THR B 72 -15.82 22.45 2.09
N PRO B 73 -15.07 22.28 3.16
CA PRO B 73 -15.69 22.10 4.47
C PRO B 73 -16.41 23.35 4.92
N THR B 74 -17.48 23.14 5.68
CA THR B 74 -18.18 24.23 6.35
C THR B 74 -18.35 23.87 7.81
N GLU B 75 -18.79 24.87 8.59
CA GLU B 75 -19.05 24.64 10.00
C GLU B 75 -20.07 23.54 10.23
N LYS B 76 -21.13 23.49 9.43
CA LYS B 76 -22.27 22.64 9.74
C LYS B 76 -22.25 21.28 9.04
N ASP B 77 -21.55 21.13 7.92
CA ASP B 77 -21.62 19.87 7.19
C ASP B 77 -20.83 18.79 7.92
N GLU B 78 -21.44 17.61 8.04
CA GLU B 78 -20.80 16.48 8.71
C GLU B 78 -20.42 15.45 7.66
N TYR B 79 -19.20 14.95 7.72
CA TYR B 79 -18.74 13.93 6.78
C TYR B 79 -18.39 12.63 7.48
N ALA B 80 -18.47 11.55 6.71
CA ALA B 80 -18.20 10.23 7.26
C ALA B 80 -17.78 9.30 6.13
N CYS B 81 -17.21 8.17 6.53
CA CYS B 81 -16.88 7.09 5.61
C CYS B 81 -17.62 5.83 6.06
N ARG B 82 -18.30 5.16 5.13
CA ARG B 82 -19.06 3.92 5.43
C ARG B 82 -18.35 2.76 4.73
N VAL B 83 -18.01 1.75 5.49
CA VAL B 83 -17.24 0.61 4.97
C VAL B 83 -17.99 -0.67 5.26
N ASN B 84 -18.12 -1.52 4.25
CA ASN B 84 -18.65 -2.85 4.47
C ASN B 84 -17.61 -3.88 3.99
N HIS B 85 -17.52 -4.96 4.73
CA HIS B 85 -16.52 -6.01 4.50
C HIS B 85 -17.03 -7.26 5.19
N VAL B 86 -16.53 -8.42 4.74
CA VAL B 86 -17.05 -9.69 5.27
C VAL B 86 -16.76 -9.84 6.77
N THR B 87 -15.71 -9.18 7.29
CA THR B 87 -15.38 -9.21 8.70
C THR B 87 -16.28 -8.32 9.56
N LEU B 88 -17.16 -7.54 8.95
CA LEU B 88 -18.00 -6.60 9.68
C LEU B 88 -19.41 -7.15 9.77
N SER B 89 -19.94 -7.27 10.99
CA SER B 89 -21.31 -7.74 11.15
C SER B 89 -22.32 -6.76 10.55
N GLN B 90 -22.02 -5.47 10.60
CA GLN B 90 -22.81 -4.42 9.97
C GLN B 90 -21.86 -3.41 9.36
N PRO B 91 -22.30 -2.64 8.37
CA PRO B 91 -21.43 -1.61 7.81
C PRO B 91 -20.94 -0.67 8.90
N LYS B 92 -19.68 -0.27 8.78
CA LYS B 92 -19.05 0.56 9.80
C LYS B 92 -18.99 1.99 9.27
N ILE B 93 -19.53 2.93 10.05
CA ILE B 93 -19.51 4.34 9.69
C ILE B 93 -18.53 5.03 10.62
N VAL B 94 -17.50 5.67 10.04
CA VAL B 94 -16.51 6.43 10.80
C VAL B 94 -16.66 7.89 10.45
N LYS B 95 -17.00 8.72 11.44
CA LYS B 95 -17.15 10.16 11.22
C LYS B 95 -15.79 10.83 11.03
N TRP B 96 -15.77 11.87 10.19
CA TRP B 96 -14.58 12.70 10.06
C TRP B 96 -14.44 13.52 11.34
N ASP B 97 -13.40 13.22 12.12
CA ASP B 97 -13.15 13.94 13.38
C ASP B 97 -12.28 15.13 13.05
N ARG B 98 -12.89 16.32 13.07
CA ARG B 98 -12.20 17.56 12.75
C ARG B 98 -11.37 18.10 13.91
N ASP B 99 -11.35 17.43 15.06
CA ASP B 99 -10.68 18.02 16.22
C ASP B 99 -9.59 17.13 16.78
N MET B 100 -8.62 16.72 15.96
CA MET B 100 -7.58 15.84 16.45
C MET B 100 -6.21 16.49 16.35
N ILE C 1 9.96 -1.97 -16.28
CA ILE C 1 9.14 -2.85 -17.11
C ILE C 1 8.93 -4.20 -16.45
N LEU C 2 7.84 -4.85 -16.85
CA LEU C 2 7.50 -6.17 -16.34
C LEU C 2 8.49 -7.22 -16.85
N ASN C 3 8.55 -8.33 -16.12
CA ASN C 3 9.24 -9.49 -16.65
C ASN C 3 8.45 -10.10 -17.80
N ALA C 4 9.18 -10.64 -18.79
CA ALA C 4 8.54 -11.17 -19.99
C ALA C 4 8.18 -12.64 -19.89
N MET C 5 8.67 -13.35 -18.88
CA MET C 5 8.32 -14.76 -18.70
C MET C 5 7.62 -14.94 -17.37
N ILE C 6 6.45 -15.59 -17.40
CA ILE C 6 5.65 -15.77 -16.20
C ILE C 6 5.11 -17.20 -16.15
N VAL C 7 5.85 -18.09 -15.50
CA VAL C 7 5.57 -19.52 -15.56
C VAL C 7 4.47 -19.89 -14.56
N LYS C 8 3.61 -20.83 -14.95
CA LYS C 8 2.47 -21.18 -14.12
C LYS C 8 2.89 -22.11 -12.98
N ILE C 9 2.09 -22.06 -11.90
CA ILE C 9 2.19 -22.99 -10.79
C ILE C 9 2.02 -24.41 -11.32
C ACT D . 17.06 0.85 -20.93
O ACT D . 17.42 0.01 -20.08
OXT ACT D . 16.76 1.98 -20.49
CH3 ACT D . 17.00 0.54 -22.40
C ACT E . -11.14 -22.23 -10.89
O ACT E . -11.32 -23.45 -10.64
OXT ACT E . -11.26 -21.29 -10.04
CH3 ACT E . -10.76 -21.86 -12.30
C ACT F . -7.77 12.46 11.30
O ACT F . -7.38 11.33 11.56
OXT ACT F . -8.98 12.86 11.46
CH3 ACT F . -6.78 13.41 10.75
C1 GOL G . 6.90 0.32 -1.80
O1 GOL G . 6.92 -0.68 -2.82
C2 GOL G . 5.47 0.58 -1.34
O2 GOL G . 4.60 -0.42 -1.83
C3 GOL G . 5.00 1.91 -1.91
O3 GOL G . 4.02 2.45 -1.05
C1 GOL H . 15.62 -11.23 -18.27
O1 GOL H . 14.86 -10.03 -18.43
C2 GOL H . 15.96 -11.86 -19.61
O2 GOL H . 14.93 -12.71 -20.08
C3 GOL H . 16.25 -10.74 -20.60
O3 GOL H . 17.33 -10.01 -20.07
MG MG I . 19.70 -24.24 -15.82
C1 GOL J . -10.06 8.66 11.49
O1 GOL J . -8.98 9.41 11.01
C2 GOL J . -10.58 9.29 12.77
O2 GOL J . -10.88 8.24 13.67
C3 GOL J . -11.84 10.07 12.40
O3 GOL J . -11.52 11.15 11.53
MG MG K . 4.84 -2.30 3.42
C1 GOL L . 7.93 -15.23 -12.78
O1 GOL L . 8.81 -14.57 -13.64
C2 GOL L . 8.27 -16.72 -12.76
O2 GOL L . 8.18 -17.19 -14.09
C3 GOL L . 7.32 -17.50 -11.84
O3 GOL L . 5.98 -17.48 -12.32
#